data_6WLM
#
_entry.id   6WLM
#
_entity_poly.entity_id   1
_entity_poly.type   'polyribonucleotide'
_entity_poly.pdbx_seq_one_letter_code
;GGAAUCGGAUGAAGAUAUGAGGAGAGAUUUCAUUUUAAUGAAACACCGAAGAAGUAAAUCUUUCAGGUAAAAAGGACUCA
UAUUGGACGAACCUCUGGAGAGCUUAUCUAAGAGAUAACACCGAAGGAGCAAAGCUAAUUUUAGCCUAAACUCUCAGGUA
AAAGGACGGAG
;
_entity_poly.pdbx_strand_id   A
#